data_1G9F
#
_entry.id   1G9F
#
_cell.length_a   122.640
_cell.length_b   122.640
_cell.length_c   90.560
_cell.angle_alpha   90.00
_cell.angle_beta   90.00
_cell.angle_gamma   90.00
#
_symmetry.space_group_name_H-M   'I 41 2 2'
#
loop_
_entity.id
_entity.type
_entity.pdbx_description
1 polymer LECTIN
2 branched 2-acetamido-2-deoxy-beta-D-glucopyranose-(1-4)-2-acetamido-2-deoxy-beta-D-glucopyranose
3 branched beta-D-galactopyranose-(1-4)-2-acetamido-2-deoxy-beta-D-glucopyranose-(1-2)-[beta-D-galactopyranose-(1-4)-2-acetamido-2-deoxy-beta-D-glucopyranose-(1-3)]beta-D-galactopyranose
4 non-polymer 'MANGANESE (II) ION'
5 non-polymer 'CALCIUM ION'
6 water water
#
_entity_poly.entity_id   1
_entity_poly.type   'polypeptide(L)'
_entity_poly.pdbx_seq_one_letter_code
;AETVSFSWNKFVPKQPNMILQGDAIVTSSGKLQLNKVDENGTPKPSSLGRALYSTPIHIWDKETGSVASFAASFNFTFYA
PDTKRLADGLAFFLAPIDTKPQTHAGYLGLFNENESGDQVVAVEFDTFRNSWDPPNPHIGINVNSIRSIKTTSWDLANNK
VAKVLITYDASTSLLVASLVYPSQRTSNILSDVVDLKTSLPEWVRIGFSAATGLDIPGESHDVLSWSFASNLPHASSNID
PLDLTSFVLHEAI
;
_entity_poly.pdbx_strand_id   A
#
loop_
_chem_comp.id
_chem_comp.type
_chem_comp.name
_chem_comp.formula
CA non-polymer 'CALCIUM ION' 'Ca 2'
GAL D-saccharide, beta linking beta-D-galactopyranose 'C6 H12 O6'
MN non-polymer 'MANGANESE (II) ION' 'Mn 2'
NAG D-saccharide, beta linking 2-acetamido-2-deoxy-beta-D-glucopyranose 'C8 H15 N O6'
#
# COMPACT_ATOMS: atom_id res chain seq x y z
N ALA A 1 -9.96 -24.98 -3.45
CA ALA A 1 -9.48 -23.58 -3.64
C ALA A 1 -8.03 -23.45 -3.22
N GLU A 2 -7.37 -22.46 -3.78
CA GLU A 2 -5.97 -22.19 -3.49
C GLU A 2 -5.98 -21.03 -2.49
N THR A 3 -5.30 -21.21 -1.36
CA THR A 3 -5.29 -20.14 -0.38
C THR A 3 -3.92 -19.91 0.26
N VAL A 4 -3.71 -18.68 0.69
CA VAL A 4 -2.48 -18.29 1.36
C VAL A 4 -2.80 -17.16 2.33
N SER A 5 -2.05 -17.09 3.42
CA SER A 5 -2.25 -16.05 4.42
C SER A 5 -1.07 -15.99 5.38
N PHE A 6 -0.89 -14.83 6.00
CA PHE A 6 0.18 -14.62 6.97
C PHE A 6 -0.19 -13.45 7.88
N SER A 7 0.45 -13.38 9.05
CA SER A 7 0.14 -12.32 9.99
C SER A 7 1.33 -12.05 10.92
N TRP A 8 1.72 -10.77 11.02
CA TRP A 8 2.84 -10.35 11.87
C TRP A 8 2.46 -9.14 12.71
N ASN A 9 2.76 -9.20 14.01
CA ASN A 9 2.48 -8.07 14.89
C ASN A 9 3.70 -7.15 14.86
N LYS A 10 4.78 -7.61 14.23
CA LYS A 10 6.02 -6.82 14.12
C LYS A 10 6.96 -7.41 13.08
N PHE A 11 7.99 -6.64 12.72
CA PHE A 11 8.98 -7.10 11.74
C PHE A 11 10.26 -7.48 12.46
N VAL A 12 11.03 -8.39 11.86
CA VAL A 12 12.32 -8.82 12.43
C VAL A 12 13.39 -8.59 11.34
N PRO A 13 14.53 -8.00 11.71
CA PRO A 13 15.62 -7.72 10.76
C PRO A 13 16.17 -8.96 10.06
N LYS A 14 16.43 -8.83 8.76
CA LYS A 14 16.96 -9.92 7.94
C LYS A 14 15.96 -11.06 7.71
N GLN A 15 14.69 -10.88 8.07
CA GLN A 15 13.69 -11.92 7.86
C GLN A 15 13.69 -12.30 6.39
N PRO A 16 14.01 -13.56 6.08
CA PRO A 16 14.08 -14.05 4.71
C PRO A 16 12.79 -14.17 3.89
N ASN A 17 11.66 -13.76 4.46
CA ASN A 17 10.38 -13.86 3.75
C ASN A 17 9.91 -12.50 3.28
N MET A 18 10.85 -11.57 3.16
CA MET A 18 10.53 -10.23 2.71
C MET A 18 11.63 -9.68 1.83
N ILE A 19 11.26 -8.87 0.85
CA ILE A 19 12.21 -8.28 -0.07
C ILE A 19 12.19 -6.78 0.11
N LEU A 20 13.34 -6.21 0.44
CA LEU A 20 13.46 -4.77 0.65
C LEU A 20 14.13 -4.11 -0.54
N GLN A 21 13.59 -2.97 -0.95
CA GLN A 21 14.14 -2.22 -2.08
C GLN A 21 14.27 -0.77 -1.64
N GLY A 22 15.11 -0.01 -2.34
CA GLY A 22 15.27 1.39 -2.00
C GLY A 22 15.93 1.59 -0.65
N ASP A 23 15.43 2.55 0.12
CA ASP A 23 16.00 2.86 1.43
C ASP A 23 15.33 2.12 2.57
N ALA A 24 14.39 1.23 2.24
CA ALA A 24 13.67 0.49 3.27
C ALA A 24 14.55 -0.46 4.10
N ILE A 25 14.36 -0.41 5.42
CA ILE A 25 15.07 -1.29 6.35
C ILE A 25 14.15 -1.56 7.53
N VAL A 26 14.40 -2.64 8.27
CA VAL A 26 13.57 -2.89 9.44
C VAL A 26 14.46 -2.62 10.66
N THR A 27 13.97 -1.77 11.56
CA THR A 27 14.72 -1.41 12.74
C THR A 27 14.75 -2.57 13.73
N SER A 28 15.58 -2.43 14.75
CA SER A 28 15.69 -3.46 15.78
C SER A 28 14.44 -3.43 16.64
N SER A 29 13.71 -2.32 16.57
CA SER A 29 12.47 -2.16 17.33
C SER A 29 11.29 -2.80 16.60
N GLY A 30 11.56 -3.51 15.52
CA GLY A 30 10.49 -4.18 14.79
C GLY A 30 9.69 -3.31 13.84
N LYS A 31 10.28 -2.21 13.39
CA LYS A 31 9.58 -1.32 12.48
C LYS A 31 10.15 -1.33 11.06
N LEU A 32 9.22 -1.37 10.12
CA LEU A 32 9.55 -1.34 8.71
C LEU A 32 9.65 0.14 8.32
N GLN A 33 10.88 0.65 8.32
CA GLN A 33 11.14 2.04 8.00
C GLN A 33 11.40 2.12 6.51
N LEU A 34 10.46 2.72 5.80
CA LEU A 34 10.56 2.83 4.36
C LEU A 34 11.44 3.98 3.85
N ASN A 35 11.61 5.03 4.64
CA ASN A 35 12.41 6.17 4.21
C ASN A 35 13.54 6.51 5.17
N LYS A 36 14.66 7.00 4.63
CA LYS A 36 15.81 7.39 5.44
C LYS A 36 15.54 8.63 6.27
N VAL A 37 16.07 8.65 7.49
CA VAL A 37 15.88 9.76 8.41
C VAL A 37 17.23 10.11 9.06
N ASP A 38 17.32 11.28 9.69
CA ASP A 38 18.56 11.69 10.38
C ASP A 38 18.31 12.82 11.38
N THR A 42 14.36 13.23 11.42
CA THR A 42 13.64 13.97 10.39
C THR A 42 13.93 13.38 9.01
N PRO A 43 12.87 13.19 8.19
CA PRO A 43 12.94 12.64 6.84
C PRO A 43 13.96 13.31 5.91
N LYS A 44 14.67 12.50 5.13
CA LYS A 44 15.63 13.01 4.17
C LYS A 44 14.88 13.15 2.84
N PRO A 45 15.03 14.30 2.16
CA PRO A 45 14.31 14.48 0.89
C PRO A 45 14.73 13.49 -0.19
N SER A 46 13.82 13.25 -1.14
CA SER A 46 14.07 12.33 -2.23
C SER A 46 14.39 10.90 -1.80
N SER A 47 13.78 10.46 -0.71
CA SER A 47 13.98 9.09 -0.23
C SER A 47 12.88 8.18 -0.77
N LEU A 48 13.27 6.97 -1.18
CA LEU A 48 12.31 6.01 -1.72
C LEU A 48 12.67 4.60 -1.25
N GLY A 49 11.71 3.94 -0.62
CA GLY A 49 11.92 2.58 -0.15
C GLY A 49 10.66 1.75 -0.39
N ARG A 50 10.84 0.46 -0.63
CA ARG A 50 9.71 -0.43 -0.86
C ARG A 50 10.03 -1.75 -0.22
N ALA A 51 8.98 -2.47 0.19
CA ALA A 51 9.13 -3.78 0.82
C ALA A 51 8.12 -4.69 0.14
N LEU A 52 8.52 -5.94 -0.11
CA LEU A 52 7.64 -6.88 -0.77
C LEU A 52 7.65 -8.24 -0.10
N TYR A 53 6.46 -8.82 0.04
CA TYR A 53 6.35 -10.15 0.63
C TYR A 53 7.02 -11.02 -0.43
N SER A 54 7.99 -11.82 0.00
CA SER A 54 8.75 -12.66 -0.92
C SER A 54 7.95 -13.61 -1.80
N THR A 55 6.98 -14.30 -1.22
CA THR A 55 6.19 -15.25 -1.98
C THR A 55 5.15 -14.68 -2.93
N PRO A 56 5.16 -15.14 -4.19
CA PRO A 56 4.21 -14.67 -5.21
C PRO A 56 2.79 -15.17 -4.90
N ILE A 57 1.81 -14.30 -5.13
CA ILE A 57 0.42 -14.62 -4.87
C ILE A 57 -0.30 -14.92 -6.19
N HIS A 58 -1.11 -15.97 -6.18
CA HIS A 58 -1.88 -16.36 -7.36
C HIS A 58 -3.20 -15.57 -7.28
N ILE A 59 -3.27 -14.47 -8.02
CA ILE A 59 -4.43 -13.58 -8.04
C ILE A 59 -5.62 -14.03 -8.89
N TRP A 60 -5.34 -14.49 -10.09
CA TRP A 60 -6.38 -15.01 -10.97
C TRP A 60 -5.82 -16.08 -11.88
N ASP A 61 -6.71 -16.95 -12.35
CA ASP A 61 -6.32 -18.05 -13.22
C ASP A 61 -6.92 -17.94 -14.61
N LYS A 62 -6.07 -17.96 -15.63
CA LYS A 62 -6.51 -17.84 -17.02
C LYS A 62 -7.43 -19.01 -17.43
N GLU A 63 -7.12 -20.21 -16.96
CA GLU A 63 -7.92 -21.38 -17.30
C GLU A 63 -9.35 -21.22 -16.78
N THR A 64 -9.55 -21.58 -15.51
CA THR A 64 -10.85 -21.50 -14.85
C THR A 64 -11.46 -20.10 -14.99
N GLY A 65 -10.61 -19.10 -15.16
CA GLY A 65 -11.09 -17.73 -15.28
C GLY A 65 -11.49 -17.13 -13.96
N SER A 66 -11.36 -17.90 -12.87
CA SER A 66 -11.72 -17.38 -11.55
C SER A 66 -10.70 -16.38 -11.02
N VAL A 67 -11.19 -15.42 -10.24
CA VAL A 67 -10.36 -14.39 -9.65
C VAL A 67 -10.38 -14.53 -8.12
N ALA A 68 -9.25 -14.24 -7.48
CA ALA A 68 -9.18 -14.36 -6.02
C ALA A 68 -9.80 -13.19 -5.25
N SER A 69 -10.23 -13.49 -4.02
CA SER A 69 -10.76 -12.47 -3.13
C SER A 69 -9.61 -12.38 -2.11
N PHE A 70 -9.39 -11.20 -1.54
CA PHE A 70 -8.33 -11.09 -0.55
C PHE A 70 -8.59 -9.98 0.43
N ALA A 71 -7.81 -9.99 1.51
CA ALA A 71 -7.93 -8.99 2.55
C ALA A 71 -6.54 -8.72 3.09
N ALA A 72 -6.29 -7.45 3.38
CA ALA A 72 -5.01 -7.04 3.93
C ALA A 72 -5.23 -5.95 4.95
N SER A 73 -4.48 -6.00 6.04
CA SER A 73 -4.57 -4.97 7.07
C SER A 73 -3.18 -4.69 7.58
N PHE A 74 -2.99 -3.47 8.08
CA PHE A 74 -1.71 -3.07 8.61
C PHE A 74 -1.83 -1.78 9.39
N ASN A 75 -0.85 -1.55 10.26
CA ASN A 75 -0.80 -0.35 11.06
C ASN A 75 0.41 0.45 10.58
N PHE A 76 0.19 1.72 10.28
CA PHE A 76 1.27 2.56 9.82
C PHE A 76 1.18 3.94 10.46
N THR A 77 2.24 4.73 10.30
CA THR A 77 2.30 6.06 10.86
C THR A 77 3.34 6.86 10.07
N PHE A 78 3.19 8.17 10.12
CA PHE A 78 4.15 9.04 9.48
C PHE A 78 4.55 10.09 10.49
N TYR A 79 5.75 10.64 10.33
CA TYR A 79 6.23 11.70 11.19
C TYR A 79 6.61 12.86 10.29
N ALA A 80 5.99 14.00 10.54
CA ALA A 80 6.25 15.21 9.75
C ALA A 80 6.80 16.28 10.67
N PRO A 81 8.05 16.71 10.44
CA PRO A 81 8.61 17.75 11.31
C PRO A 81 7.85 19.07 11.14
N ASP A 82 7.13 19.21 10.04
CA ASP A 82 6.33 20.40 9.77
C ASP A 82 5.05 19.98 9.06
N THR A 83 3.96 19.90 9.81
CA THR A 83 2.68 19.46 9.25
C THR A 83 2.09 20.32 8.13
N LYS A 84 2.81 21.35 7.70
CA LYS A 84 2.31 22.24 6.64
C LYS A 84 2.91 21.90 5.28
N ARG A 85 4.04 21.20 5.34
CA ARG A 85 4.76 20.78 4.14
C ARG A 85 4.99 19.27 4.14
N LEU A 86 3.89 18.58 3.83
CA LEU A 86 3.83 17.11 3.76
C LEU A 86 4.10 16.63 2.33
N ALA A 87 4.74 15.47 2.20
CA ALA A 87 5.04 14.88 0.90
C ALA A 87 5.85 13.60 1.13
N ASP A 88 5.60 12.55 0.34
CA ASP A 88 4.59 12.54 -0.73
C ASP A 88 3.45 11.56 -0.40
N GLY A 89 3.78 10.45 0.25
CA GLY A 89 2.76 9.48 0.60
C GLY A 89 3.19 8.02 0.68
N LEU A 90 2.22 7.17 0.97
CA LEU A 90 2.43 5.73 1.11
C LEU A 90 1.41 4.95 0.28
N ALA A 91 1.79 3.76 -0.18
CA ALA A 91 0.87 2.95 -0.97
C ALA A 91 1.01 1.45 -0.74
N PHE A 92 -0.12 0.76 -0.82
CA PHE A 92 -0.15 -0.69 -0.72
C PHE A 92 -0.35 -1.12 -2.18
N PHE A 93 0.47 -2.03 -2.67
CA PHE A 93 0.30 -2.43 -4.07
C PHE A 93 0.50 -3.90 -4.40
N LEU A 94 0.03 -4.23 -5.61
CA LEU A 94 0.13 -5.55 -6.20
C LEU A 94 0.79 -5.26 -7.54
N ALA A 95 1.79 -6.07 -7.90
CA ALA A 95 2.52 -5.84 -9.15
C ALA A 95 3.16 -7.11 -9.69
N PRO A 96 3.77 -7.04 -10.88
CA PRO A 96 4.40 -8.24 -11.42
C PRO A 96 5.50 -8.70 -10.49
N ILE A 97 5.69 -10.02 -10.42
CA ILE A 97 6.70 -10.65 -9.58
C ILE A 97 8.08 -9.98 -9.60
N ASP A 98 8.53 -9.56 -10.76
CA ASP A 98 9.84 -8.93 -10.88
C ASP A 98 9.83 -7.41 -10.74
N THR A 99 8.78 -6.87 -10.12
CA THR A 99 8.64 -5.43 -9.92
C THR A 99 9.87 -4.76 -9.25
N LYS A 100 10.28 -3.62 -9.80
CA LYS A 100 11.42 -2.84 -9.29
C LYS A 100 10.97 -1.41 -8.98
N PRO A 101 11.75 -0.67 -8.17
CA PRO A 101 11.34 0.70 -7.85
C PRO A 101 11.32 1.60 -9.09
N GLN A 102 10.34 2.49 -9.16
CA GLN A 102 10.24 3.42 -10.29
C GLN A 102 10.53 4.85 -9.82
N THR A 103 9.89 5.84 -10.46
CA THR A 103 10.12 7.24 -10.10
C THR A 103 9.64 7.59 -8.69
N HIS A 104 10.46 8.37 -7.98
CA HIS A 104 10.16 8.77 -6.61
C HIS A 104 9.23 9.97 -6.50
N ALA A 105 9.20 10.57 -5.31
CA ALA A 105 8.34 11.72 -5.03
C ALA A 105 6.87 11.42 -5.37
N GLY A 106 6.24 12.33 -6.10
CA GLY A 106 4.84 12.18 -6.45
C GLY A 106 4.42 10.88 -7.11
N TYR A 107 5.37 10.14 -7.67
CA TYR A 107 5.05 8.89 -8.33
C TYR A 107 5.05 7.71 -7.35
N LEU A 108 5.32 8.01 -6.09
CA LEU A 108 5.35 7.02 -5.01
C LEU A 108 6.17 5.78 -5.34
N GLY A 109 7.10 5.91 -6.29
CA GLY A 109 7.95 4.80 -6.67
C GLY A 109 7.28 3.67 -7.45
N LEU A 110 6.05 3.91 -7.91
CA LEU A 110 5.28 2.91 -8.63
C LEU A 110 5.15 3.18 -10.12
N PHE A 111 5.20 4.45 -10.50
CA PHE A 111 5.06 4.82 -11.88
C PHE A 111 6.17 5.74 -12.38
N ASN A 112 6.14 6.03 -13.68
CA ASN A 112 7.12 6.89 -14.30
C ASN A 112 6.44 7.95 -15.16
N GLU A 113 7.01 9.14 -15.16
CA GLU A 113 6.49 10.21 -15.97
C GLU A 113 6.77 9.89 -17.44
N ASN A 114 5.82 10.22 -18.32
CA ASN A 114 5.95 9.99 -19.76
C ASN A 114 5.77 8.54 -20.20
N GLU A 115 5.42 7.68 -19.27
CA GLU A 115 5.22 6.27 -19.58
C GLU A 115 3.92 5.78 -18.99
N SER A 116 3.37 4.75 -19.61
CA SER A 116 2.13 4.16 -19.12
C SER A 116 2.55 3.17 -18.03
N GLY A 117 1.80 3.16 -16.92
CA GLY A 117 2.14 2.26 -15.83
C GLY A 117 2.08 0.79 -16.20
N ASP A 118 2.86 -0.02 -15.51
CA ASP A 118 2.85 -1.45 -15.77
C ASP A 118 1.54 -1.95 -15.20
N GLN A 119 1.44 -3.25 -15.02
CA GLN A 119 0.24 -3.84 -14.47
C GLN A 119 0.34 -3.72 -12.95
N VAL A 120 0.10 -2.51 -12.46
CA VAL A 120 0.17 -2.23 -11.05
C VAL A 120 -1.15 -1.67 -10.52
N VAL A 121 -1.63 -2.26 -9.42
CA VAL A 121 -2.87 -1.80 -8.78
C VAL A 121 -2.50 -1.34 -7.37
N ALA A 122 -2.98 -0.18 -6.94
CA ALA A 122 -2.63 0.29 -5.60
C ALA A 122 -3.64 1.15 -4.89
N VAL A 123 -3.49 1.21 -3.58
CA VAL A 123 -4.32 2.02 -2.73
C VAL A 123 -3.31 3.00 -2.13
N GLU A 124 -3.49 4.28 -2.42
CA GLU A 124 -2.56 5.29 -1.93
C GLU A 124 -3.10 6.11 -0.77
N PHE A 125 -2.16 6.71 -0.06
CA PHE A 125 -2.43 7.58 1.06
C PHE A 125 -1.52 8.73 0.66
N ASP A 126 -2.11 9.64 -0.12
CA ASP A 126 -1.44 10.78 -0.70
C ASP A 126 -1.43 12.07 0.14
N THR A 127 -0.24 12.58 0.43
CA THR A 127 -0.14 13.79 1.24
C THR A 127 0.17 15.07 0.46
N PHE A 128 0.61 14.93 -0.80
CA PHE A 128 0.92 16.10 -1.59
C PHE A 128 0.09 16.25 -2.86
N ARG A 129 -0.40 17.47 -3.09
CA ARG A 129 -1.22 17.73 -4.28
C ARG A 129 -0.40 18.03 -5.53
N ASN A 130 -0.31 17.00 -6.37
CA ASN A 130 0.39 17.10 -7.64
C ASN A 130 -0.64 17.56 -8.67
N SER A 131 -0.20 17.85 -9.88
CA SER A 131 -1.12 18.35 -10.89
C SER A 131 -2.35 17.48 -11.10
N TRP A 132 -2.16 16.16 -11.05
CA TRP A 132 -3.28 15.24 -11.28
C TRP A 132 -4.12 14.98 -10.04
N ASP A 133 -3.70 15.51 -8.89
CA ASP A 133 -4.40 15.26 -7.64
C ASP A 133 -5.51 16.22 -7.29
N PRO A 134 -6.42 15.79 -6.40
CA PRO A 134 -7.55 16.58 -5.91
C PRO A 134 -6.96 17.34 -4.73
N PRO A 135 -7.69 18.31 -4.16
CA PRO A 135 -7.07 19.02 -3.03
C PRO A 135 -7.17 18.27 -1.71
N ASN A 136 -6.16 18.45 -0.86
CA ASN A 136 -6.11 17.83 0.46
C ASN A 136 -5.71 16.36 0.48
N PRO A 137 -5.01 15.93 1.54
CA PRO A 137 -4.59 14.52 1.65
C PRO A 137 -5.78 13.65 1.33
N HIS A 138 -5.52 12.50 0.73
CA HIS A 138 -6.61 11.62 0.34
C HIS A 138 -6.17 10.19 0.22
N ILE A 139 -7.17 9.33 0.10
CA ILE A 139 -6.97 7.91 -0.09
C ILE A 139 -7.47 7.71 -1.52
N GLY A 140 -6.71 6.96 -2.31
CA GLY A 140 -7.13 6.75 -3.68
C GLY A 140 -6.87 5.34 -4.18
N ILE A 141 -7.64 4.96 -5.19
CA ILE A 141 -7.49 3.65 -5.80
C ILE A 141 -6.83 3.88 -7.16
N ASN A 142 -5.60 3.40 -7.30
CA ASN A 142 -4.86 3.56 -8.54
C ASN A 142 -4.86 2.26 -9.34
N VAL A 143 -5.23 2.35 -10.61
CA VAL A 143 -5.27 1.19 -11.49
C VAL A 143 -4.38 1.43 -12.71
N ASN A 144 -3.12 1.00 -12.63
CA ASN A 144 -2.17 1.18 -13.73
C ASN A 144 -1.82 2.64 -13.98
N SER A 145 -2.21 3.52 -13.07
CA SER A 145 -1.94 4.94 -13.24
C SER A 145 -1.80 5.66 -11.92
N ILE A 146 -1.00 6.71 -11.90
CA ILE A 146 -0.79 7.52 -10.70
C ILE A 146 -2.04 8.40 -10.54
N ARG A 147 -2.87 8.44 -11.58
CA ARG A 147 -4.12 9.21 -11.58
C ARG A 147 -5.25 8.30 -11.10
N SER A 148 -5.56 8.36 -9.80
CA SER A 148 -6.60 7.54 -9.15
C SER A 148 -7.96 7.55 -9.87
N ILE A 149 -8.60 6.40 -9.96
CA ILE A 149 -9.91 6.34 -10.60
C ILE A 149 -10.96 6.88 -9.65
N LYS A 150 -10.57 6.99 -8.37
CA LYS A 150 -11.49 7.50 -7.35
C LYS A 150 -10.70 7.81 -6.08
N THR A 151 -11.14 8.83 -5.35
CA THR A 151 -10.47 9.23 -4.12
C THR A 151 -11.47 9.75 -3.10
N THR A 152 -10.99 10.01 -1.90
CA THR A 152 -11.81 10.52 -0.82
C THR A 152 -10.86 11.15 0.20
N SER A 153 -11.30 12.23 0.84
CA SER A 153 -10.47 12.92 1.82
C SER A 153 -10.04 12.03 2.96
N TRP A 154 -8.80 12.24 3.39
CA TRP A 154 -8.19 11.47 4.46
C TRP A 154 -7.83 12.37 5.64
N ASP A 155 -8.59 12.26 6.71
CA ASP A 155 -8.35 13.04 7.91
C ASP A 155 -7.17 12.42 8.65
N LEU A 156 -5.97 12.83 8.26
CA LEU A 156 -4.76 12.28 8.88
C LEU A 156 -4.30 13.02 10.14
N ALA A 157 -3.49 12.34 10.94
CA ALA A 157 -2.96 12.88 12.18
C ALA A 157 -1.48 12.54 12.27
N ASN A 158 -0.64 13.55 12.47
CA ASN A 158 0.80 13.35 12.57
C ASN A 158 1.15 12.51 13.80
N ASN A 159 2.06 11.56 13.60
CA ASN A 159 2.52 10.68 14.67
C ASN A 159 1.53 9.66 15.24
N LYS A 160 0.28 9.69 14.80
CA LYS A 160 -0.69 8.73 15.31
C LYS A 160 -0.73 7.46 14.45
N VAL A 161 -1.02 6.32 15.07
CA VAL A 161 -1.10 5.07 14.35
C VAL A 161 -2.42 4.91 13.63
N ALA A 162 -2.35 4.66 12.32
CA ALA A 162 -3.55 4.46 11.53
C ALA A 162 -3.70 2.95 11.30
N LYS A 163 -4.93 2.46 11.42
CA LYS A 163 -5.21 1.04 11.20
C LYS A 163 -5.99 0.94 9.88
N VAL A 164 -5.43 0.21 8.92
CA VAL A 164 -6.04 0.08 7.61
C VAL A 164 -6.53 -1.33 7.27
N LEU A 165 -7.63 -1.39 6.51
CA LEU A 165 -8.21 -2.65 6.08
C LEU A 165 -8.58 -2.52 4.62
N ILE A 166 -7.94 -3.32 3.78
CA ILE A 166 -8.22 -3.32 2.36
C ILE A 166 -8.82 -4.69 2.02
N THR A 167 -9.96 -4.68 1.34
CA THR A 167 -10.60 -5.93 0.96
C THR A 167 -11.06 -5.93 -0.49
N TYR A 168 -10.96 -7.10 -1.12
CA TYR A 168 -11.39 -7.25 -2.51
C TYR A 168 -12.33 -8.45 -2.63
N ASP A 169 -13.52 -8.21 -3.17
CA ASP A 169 -14.54 -9.24 -3.35
C ASP A 169 -14.62 -9.63 -4.83
N ALA A 170 -14.10 -10.80 -5.17
CA ALA A 170 -14.13 -11.22 -6.57
C ALA A 170 -15.54 -11.30 -7.15
N SER A 171 -16.52 -11.65 -6.32
CA SER A 171 -17.89 -11.76 -6.82
C SER A 171 -18.42 -10.44 -7.33
N THR A 172 -18.08 -9.34 -6.67
CA THR A 172 -18.57 -8.03 -7.10
C THR A 172 -17.47 -7.16 -7.72
N SER A 173 -16.23 -7.65 -7.72
CA SER A 173 -15.10 -6.90 -8.27
C SER A 173 -14.89 -5.59 -7.52
N LEU A 174 -15.46 -5.50 -6.34
CA LEU A 174 -15.39 -4.28 -5.54
C LEU A 174 -14.18 -4.28 -4.61
N LEU A 175 -13.44 -3.17 -4.64
CA LEU A 175 -12.28 -2.99 -3.80
C LEU A 175 -12.66 -1.97 -2.73
N VAL A 176 -12.46 -2.32 -1.48
CA VAL A 176 -12.80 -1.42 -0.40
C VAL A 176 -11.61 -1.13 0.50
N ALA A 177 -11.42 0.16 0.80
CA ALA A 177 -10.32 0.59 1.66
C ALA A 177 -10.84 1.47 2.78
N SER A 178 -10.52 1.12 4.02
CA SER A 178 -10.96 1.89 5.16
C SER A 178 -9.77 2.17 6.06
N LEU A 179 -9.76 3.35 6.66
CA LEU A 179 -8.67 3.76 7.53
C LEU A 179 -9.26 4.34 8.83
N VAL A 180 -8.72 3.89 9.96
CA VAL A 180 -9.21 4.32 11.26
C VAL A 180 -8.11 4.77 12.20
N TYR A 181 -8.39 5.83 12.96
CA TYR A 181 -7.46 6.37 13.95
C TYR A 181 -8.11 6.16 15.32
N PRO A 182 -7.80 5.05 15.99
CA PRO A 182 -8.35 4.73 17.30
C PRO A 182 -8.33 5.89 18.29
N SER A 183 -7.16 6.52 18.44
CA SER A 183 -6.99 7.62 19.36
C SER A 183 -7.87 8.83 19.02
N GLN A 184 -8.17 9.01 17.74
CA GLN A 184 -9.00 10.14 17.31
C GLN A 184 -10.45 9.72 17.06
N ARG A 185 -10.73 8.43 17.11
CA ARG A 185 -12.09 7.93 16.85
C ARG A 185 -12.56 8.46 15.50
N THR A 186 -11.61 8.71 14.61
CA THR A 186 -11.90 9.24 13.28
C THR A 186 -11.79 8.11 12.25
N SER A 187 -12.57 8.19 11.17
CA SER A 187 -12.53 7.14 10.15
C SER A 187 -12.88 7.57 8.71
N ASN A 188 -12.25 6.89 7.75
CA ASN A 188 -12.45 7.17 6.33
C ASN A 188 -12.59 5.86 5.55
N ILE A 189 -13.39 5.88 4.50
CA ILE A 189 -13.62 4.68 3.69
C ILE A 189 -13.82 5.06 2.21
N LEU A 190 -13.42 4.14 1.33
CA LEU A 190 -13.50 4.35 -0.11
C LEU A 190 -13.77 3.01 -0.79
N SER A 191 -14.45 3.02 -1.93
CA SER A 191 -14.74 1.80 -2.65
C SER A 191 -15.01 2.06 -4.12
N ASP A 192 -14.64 1.09 -4.95
CA ASP A 192 -14.85 1.17 -6.38
C ASP A 192 -14.56 -0.20 -6.99
N VAL A 193 -15.13 -0.46 -8.17
CA VAL A 193 -14.90 -1.76 -8.81
C VAL A 193 -13.61 -1.74 -9.60
N VAL A 194 -12.89 -2.85 -9.51
CA VAL A 194 -11.62 -3.01 -10.22
C VAL A 194 -11.61 -4.39 -10.84
N ASP A 195 -11.16 -4.47 -12.09
CA ASP A 195 -11.11 -5.75 -12.80
C ASP A 195 -9.65 -6.22 -12.84
N LEU A 196 -9.32 -7.16 -11.95
CA LEU A 196 -7.97 -7.69 -11.86
C LEU A 196 -7.46 -8.41 -13.10
N LYS A 197 -8.35 -9.10 -13.81
CA LYS A 197 -7.98 -9.85 -15.01
C LYS A 197 -7.31 -9.01 -16.09
N THR A 198 -7.74 -7.76 -16.19
CA THR A 198 -7.21 -6.85 -17.19
C THR A 198 -6.21 -5.82 -16.68
N SER A 199 -5.89 -5.85 -15.40
CA SER A 199 -4.94 -4.88 -14.85
C SER A 199 -3.77 -5.49 -14.10
N LEU A 200 -3.75 -6.83 -13.99
CA LEU A 200 -2.68 -7.52 -13.30
C LEU A 200 -2.44 -8.90 -13.91
N PRO A 201 -1.20 -9.39 -13.82
CA PRO A 201 -0.84 -10.70 -14.35
C PRO A 201 -1.39 -11.74 -13.37
N GLU A 202 -1.41 -13.00 -13.74
CA GLU A 202 -1.98 -14.04 -12.87
C GLU A 202 -1.30 -14.08 -11.51
N TRP A 203 0.03 -13.98 -11.52
CA TRP A 203 0.83 -14.02 -10.30
C TRP A 203 1.42 -12.66 -10.04
N VAL A 204 1.44 -12.28 -8.77
CA VAL A 204 1.99 -10.98 -8.40
C VAL A 204 2.62 -11.00 -7.02
N ARG A 205 3.32 -9.92 -6.70
CA ARG A 205 3.88 -9.77 -5.38
C ARG A 205 3.21 -8.55 -4.77
N ILE A 206 3.09 -8.55 -3.45
CA ILE A 206 2.44 -7.43 -2.77
C ILE A 206 3.42 -6.78 -1.83
N GLY A 207 3.24 -5.49 -1.59
CA GLY A 207 4.14 -4.80 -0.70
C GLY A 207 3.75 -3.37 -0.44
N PHE A 208 4.69 -2.60 0.09
CA PHE A 208 4.46 -1.19 0.38
C PHE A 208 5.50 -0.33 -0.32
N SER A 209 5.14 0.93 -0.53
CA SER A 209 6.04 1.90 -1.16
C SER A 209 5.71 3.26 -0.58
N ALA A 210 6.72 4.02 -0.24
CA ALA A 210 6.55 5.34 0.33
C ALA A 210 7.65 6.27 -0.17
N ALA A 211 7.34 7.56 -0.27
CA ALA A 211 8.32 8.53 -0.74
C ALA A 211 8.24 9.84 0.03
N THR A 212 9.39 10.42 0.33
CA THR A 212 9.44 11.71 1.03
C THR A 212 9.44 12.79 -0.04
N GLY A 213 9.31 14.04 0.38
CA GLY A 213 9.28 15.13 -0.59
C GLY A 213 10.46 15.12 -1.54
N LEU A 214 10.25 15.67 -2.74
CA LEU A 214 11.31 15.74 -3.74
C LEU A 214 12.45 16.63 -3.27
N ASP A 215 12.11 17.81 -2.77
CA ASP A 215 13.09 18.76 -2.31
C ASP A 215 12.83 19.21 -0.87
N ILE A 216 11.89 18.55 -0.20
CA ILE A 216 11.58 18.87 1.19
C ILE A 216 11.44 17.55 1.95
N PRO A 217 11.72 17.57 3.25
CA PRO A 217 11.61 16.36 4.05
C PRO A 217 10.26 15.67 3.91
N GLY A 218 9.18 16.45 3.98
CA GLY A 218 7.86 15.86 3.90
C GLY A 218 7.68 15.07 5.19
N GLU A 219 7.33 13.80 5.08
CA GLU A 219 7.17 12.97 6.27
C GLU A 219 7.70 11.56 6.03
N SER A 220 8.09 10.88 7.10
CA SER A 220 8.60 9.53 7.00
C SER A 220 7.41 8.58 7.14
N HIS A 221 7.59 7.33 6.71
CA HIS A 221 6.50 6.36 6.79
C HIS A 221 6.97 5.04 7.37
N ASP A 222 6.28 4.57 8.40
CA ASP A 222 6.63 3.31 9.03
C ASP A 222 5.43 2.37 9.13
N VAL A 223 5.63 1.13 8.70
CA VAL A 223 4.56 0.14 8.79
C VAL A 223 4.94 -0.68 10.03
N LEU A 224 3.98 -0.83 10.93
CA LEU A 224 4.21 -1.53 12.20
C LEU A 224 3.79 -3.00 12.23
N SER A 225 2.77 -3.34 11.46
CA SER A 225 2.29 -4.72 11.43
C SER A 225 1.71 -5.01 10.06
N TRP A 226 1.49 -6.28 9.77
CA TRP A 226 0.94 -6.63 8.46
C TRP A 226 0.24 -7.98 8.50
N SER A 227 -0.92 -8.05 7.85
CA SER A 227 -1.70 -9.27 7.79
C SER A 227 -2.30 -9.43 6.38
N PHE A 228 -2.31 -10.64 5.84
CA PHE A 228 -2.86 -10.87 4.51
C PHE A 228 -3.42 -12.29 4.32
N ALA A 229 -4.56 -12.38 3.63
CA ALA A 229 -5.23 -13.64 3.33
C ALA A 229 -5.85 -13.60 1.93
N SER A 230 -5.67 -14.67 1.16
CA SER A 230 -6.22 -14.73 -0.19
C SER A 230 -6.84 -16.08 -0.49
N ASN A 231 -7.94 -16.05 -1.23
CA ASN A 231 -8.65 -17.27 -1.58
C ASN A 231 -9.02 -17.28 -3.07
N LEU A 232 -8.37 -18.14 -3.85
CA LEU A 232 -8.65 -18.27 -5.28
C LEU A 232 -9.50 -19.52 -5.49
N PRO A 233 -10.78 -19.36 -5.83
CA PRO A 233 -11.74 -20.45 -6.06
C PRO A 233 -11.46 -21.33 -7.27
N HIS A 234 -11.97 -22.57 -7.20
CA HIS A 234 -11.83 -23.54 -8.28
C HIS A 234 -12.27 -22.92 -9.60
N LEU A 242 -12.55 -14.31 1.78
CA LEU A 242 -13.89 -14.87 2.01
C LEU A 242 -14.39 -14.39 3.36
N ASP A 243 -14.34 -15.26 4.37
CA ASP A 243 -14.76 -14.90 5.71
C ASP A 243 -13.82 -13.84 6.25
N LEU A 244 -14.21 -12.58 6.12
CA LEU A 244 -13.41 -11.45 6.58
C LEU A 244 -13.50 -11.27 8.09
N THR A 245 -14.64 -11.64 8.67
CA THR A 245 -14.85 -11.52 10.11
C THR A 245 -13.79 -12.32 10.85
N SER A 246 -13.30 -13.37 10.20
CA SER A 246 -12.27 -14.22 10.79
C SER A 246 -10.89 -13.63 10.58
N PHE A 247 -10.76 -12.76 9.59
CA PHE A 247 -9.48 -12.11 9.28
C PHE A 247 -9.24 -10.85 10.11
N VAL A 248 -10.31 -10.10 10.38
CA VAL A 248 -10.17 -8.89 11.17
C VAL A 248 -9.99 -9.25 12.64
N LEU A 249 -10.52 -10.42 13.02
CA LEU A 249 -10.43 -10.89 14.41
C LEU A 249 -9.36 -11.99 14.52
N HIS A 250 -9.02 -12.60 13.40
CA HIS A 250 -8.01 -13.66 13.37
C HIS A 250 -6.65 -13.13 12.92
N GLU A 251 -6.53 -12.90 11.62
CA GLU A 251 -5.29 -12.38 11.05
C GLU A 251 -4.91 -11.02 11.64
C1 NAG B . -0.79 -1.52 15.27
C2 NAG B . -1.33 -1.48 16.69
C3 NAG B . -0.21 -1.22 17.71
C4 NAG B . 1.01 -2.11 17.48
C5 NAG B . 1.41 -2.15 15.99
C6 NAG B . 2.44 -3.23 15.74
C7 NAG B . -3.62 -0.70 16.78
C8 NAG B . -4.56 0.48 16.87
N2 NAG B . -2.31 -0.42 16.79
O3 NAG B . -0.71 -1.43 19.04
O4 NAG B . 2.12 -1.58 18.23
O5 NAG B . 0.27 -2.48 15.17
O6 NAG B . 2.15 -4.40 16.49
O7 NAG B . -4.05 -1.85 16.69
C1 NAG B . 2.76 -2.39 19.16
C2 NAG B . 4.05 -1.68 19.60
C3 NAG B . 4.70 -2.35 20.81
C4 NAG B . 3.68 -2.58 21.92
C5 NAG B . 2.47 -3.32 21.35
C6 NAG B . 1.39 -3.56 22.38
C7 NAG B . 5.40 -0.49 18.00
C8 NAG B . 6.40 -0.55 16.85
N2 NAG B . 5.00 -1.65 18.50
O3 NAG B . 5.74 -1.52 21.30
O4 NAG B . 4.26 -3.33 22.98
O5 NAG B . 1.88 -2.56 20.28
O6 NAG B . 1.36 -4.92 22.78
O7 NAG B . 5.00 0.59 18.41
C1 GAL C . 11.26 23.67 -13.73
C2 GAL C . 11.27 23.54 -12.21
C3 GAL C . 9.94 22.96 -11.70
C4 GAL C . 8.75 23.72 -12.28
C5 GAL C . 8.88 23.86 -13.80
C6 GAL C . 7.78 24.72 -14.39
O1 GAL C . 12.42 24.30 -14.17
O2 GAL C . 12.36 22.68 -11.80
O3 GAL C . 9.91 23.05 -10.26
O4 GAL C . 8.67 25.00 -11.68
O5 GAL C . 10.14 24.47 -14.15
O6 GAL C . 8.22 25.39 -15.56
C1 NAG C . 13.31 23.24 -10.95
C2 NAG C . 14.29 22.15 -10.50
C3 NAG C . 15.52 22.74 -9.79
C4 NAG C . 16.10 23.95 -10.53
C5 NAG C . 14.98 24.93 -10.89
C6 NAG C . 15.46 26.13 -11.68
C7 NAG C . 13.79 19.95 -9.62
C8 NAG C . 13.05 19.10 -8.61
N2 NAG C . 13.61 21.26 -9.56
O3 NAG C . 16.53 21.75 -9.69
O4 NAG C . 17.05 24.61 -9.67
O5 NAG C . 14.00 24.26 -11.69
O6 NAG C . 14.42 26.69 -12.46
O7 NAG C . 14.51 19.42 -10.46
C1 GAL C . 18.34 24.76 -10.16
C2 GAL C . 19.08 25.81 -9.34
C3 GAL C . 20.52 25.95 -9.85
C4 GAL C . 21.22 24.58 -9.90
C5 GAL C . 20.34 23.54 -10.64
C6 GAL C . 20.90 22.14 -10.55
O2 GAL C . 18.42 27.07 -9.46
O3 GAL C . 21.25 26.82 -9.00
O4 GAL C . 21.51 24.13 -8.59
O5 GAL C . 19.02 23.51 -10.06
O6 GAL C . 20.05 21.21 -11.23
C1 NAG C . 9.89 21.86 -9.56
C2 NAG C . 9.65 22.16 -8.07
C3 NAG C . 9.49 20.87 -7.28
C4 NAG C . 8.46 19.93 -7.92
C5 NAG C . 8.76 19.76 -9.42
C6 NAG C . 7.70 18.95 -10.14
C7 NAG C . 10.58 24.13 -7.02
C8 NAG C . 11.80 24.85 -6.50
N2 NAG C . 10.77 22.91 -7.54
O3 NAG C . 9.06 21.18 -5.96
O4 NAG C . 8.52 18.64 -7.28
O5 NAG C . 8.83 21.05 -10.06
O6 NAG C . 8.26 17.81 -10.77
O7 NAG C . 9.47 24.66 -6.96
C1 GAL C . 7.58 18.41 -6.28
C2 GAL C . 7.04 16.98 -6.38
C3 GAL C . 6.01 16.78 -5.26
C4 GAL C . 6.63 17.09 -3.90
C5 GAL C . 7.29 18.47 -3.90
C6 GAL C . 8.06 18.77 -2.63
O2 GAL C . 6.45 16.79 -7.65
O3 GAL C . 5.52 15.44 -5.30
O4 GAL C . 7.60 16.10 -3.57
O5 GAL C . 8.22 18.60 -5.00
O6 GAL C . 8.21 20.18 -2.44
MN MN D . -3.08 11.19 -5.37
CA CA E . 0.16 13.21 -4.79
#